data_1ZLC
#
_entry.id   1ZLC
#
_entity_poly.entity_id   1
_entity_poly.type   'polypeptide(L)'
_entity_poly.pdbx_seq_one_letter_code
;RDPCCSNPVCTVHNPQIC(NH2)
;
_entity_poly.pdbx_strand_id   A
#
loop_
_chem_comp.id
_chem_comp.type
_chem_comp.name
_chem_comp.formula
NH2 non-polymer 'AMINO GROUP' 'H2 N'
#
# COMPACT_ATOMS: atom_id res chain seq x y z
N ARG A 1 2.65 -7.44 -7.31
CA ARG A 1 1.80 -6.50 -6.54
C ARG A 1 2.04 -6.65 -5.04
N ASP A 2 2.12 -5.54 -4.33
CA ASP A 2 2.34 -5.54 -2.89
C ASP A 2 1.06 -5.90 -2.15
N PRO A 3 1.17 -6.28 -0.87
CA PRO A 3 0.03 -6.65 -0.04
C PRO A 3 -0.63 -5.44 0.61
N CYS A 4 0.19 -4.57 1.16
CA CYS A 4 -0.31 -3.36 1.80
C CYS A 4 -0.95 -2.45 0.75
N CYS A 5 -0.78 -2.80 -0.52
CA CYS A 5 -1.34 -2.01 -1.61
C CYS A 5 -2.82 -2.36 -1.81
N SER A 6 -3.18 -3.59 -1.47
CA SER A 6 -4.56 -4.05 -1.60
C SER A 6 -5.46 -3.33 -0.60
N ASN A 7 -4.86 -2.91 0.52
CA ASN A 7 -5.59 -2.20 1.55
C ASN A 7 -5.36 -0.69 1.45
N PRO A 8 -6.42 0.10 1.20
CA PRO A 8 -6.30 1.56 1.07
C PRO A 8 -5.80 2.23 2.34
N VAL A 9 -5.73 1.49 3.43
CA VAL A 9 -5.25 2.04 4.69
C VAL A 9 -3.74 2.10 4.68
N CYS A 10 -3.12 0.95 4.43
CA CYS A 10 -1.68 0.85 4.39
C CYS A 10 -1.10 1.69 3.25
N THR A 11 -1.80 1.74 2.11
CA THR A 11 -1.35 2.49 0.96
C THR A 11 -0.83 3.87 1.35
N VAL A 12 -1.48 4.49 2.34
CA VAL A 12 -1.09 5.80 2.80
C VAL A 12 0.32 5.79 3.39
N HIS A 13 0.54 4.87 4.32
CA HIS A 13 1.84 4.74 4.98
C HIS A 13 2.83 3.97 4.12
N ASN A 14 2.39 3.54 2.93
CA ASN A 14 3.25 2.81 2.02
C ASN A 14 3.16 3.37 0.60
N PRO A 15 3.55 4.65 0.42
CA PRO A 15 3.52 5.30 -0.88
C PRO A 15 4.81 5.13 -1.67
N GLN A 16 5.48 3.99 -1.45
CA GLN A 16 6.73 3.70 -2.14
C GLN A 16 6.57 2.56 -3.13
N ILE A 17 5.54 1.73 -2.93
CA ILE A 17 5.28 0.60 -3.81
C ILE A 17 4.02 0.82 -4.63
N CYS A 18 3.08 1.59 -4.09
CA CYS A 18 1.83 1.87 -4.77
C CYS A 18 1.96 3.13 -5.64
N NH2 A 19 2.90 3.99 -5.31
HN1 NH2 A 19 2.72 4.64 -4.60
HN2 NH2 A 19 3.76 3.94 -5.79
N ARG A 1 3.92 -5.44 -6.61
CA ARG A 1 2.52 -5.32 -6.11
C ARG A 1 2.37 -5.94 -4.73
N ASP A 2 2.76 -5.18 -3.70
CA ASP A 2 2.66 -5.66 -2.33
C ASP A 2 1.22 -5.98 -1.96
N PRO A 3 0.99 -6.53 -0.75
CA PRO A 3 -0.33 -6.88 -0.27
C PRO A 3 -1.02 -5.72 0.43
N CYS A 4 -0.28 -5.05 1.29
CA CYS A 4 -0.84 -3.90 2.01
C CYS A 4 -1.34 -2.87 1.00
N CYS A 5 -0.90 -2.99 -0.25
CA CYS A 5 -1.32 -2.08 -1.31
C CYS A 5 -2.80 -2.29 -1.64
N SER A 6 -3.30 -3.49 -1.36
CA SER A 6 -4.69 -3.82 -1.64
C SER A 6 -5.62 -3.05 -0.68
N ASN A 7 -5.12 -2.76 0.52
CA ASN A 7 -5.90 -2.04 1.51
C ASN A 7 -5.50 -0.57 1.54
N PRO A 8 -6.34 0.33 0.98
CA PRO A 8 -6.07 1.78 0.94
C PRO A 8 -5.89 2.42 2.32
N VAL A 9 -5.97 1.62 3.38
CA VAL A 9 -5.80 2.13 4.72
C VAL A 9 -4.33 2.29 5.05
N CYS A 10 -3.59 1.20 4.93
CA CYS A 10 -2.19 1.18 5.20
C CYS A 10 -1.38 1.75 4.03
N THR A 11 -1.92 1.60 2.82
CA THR A 11 -1.26 2.08 1.62
C THR A 11 -0.70 3.49 1.80
N VAL A 12 -1.38 4.28 2.61
CA VAL A 12 -0.96 5.65 2.87
C VAL A 12 0.48 5.69 3.37
N HIS A 13 0.77 4.86 4.37
CA HIS A 13 2.10 4.79 4.95
C HIS A 13 3.06 4.01 4.06
N ASN A 14 2.53 3.45 2.96
CA ASN A 14 3.36 2.68 2.02
C ASN A 14 3.15 3.17 0.59
N PRO A 15 3.56 4.41 0.29
CA PRO A 15 3.42 4.99 -1.04
C PRO A 15 4.63 4.71 -1.94
N GLN A 16 5.36 3.66 -1.62
CA GLN A 16 6.54 3.28 -2.42
C GLN A 16 6.20 2.14 -3.38
N ILE A 17 5.13 1.41 -3.08
CA ILE A 17 4.70 0.31 -3.90
C ILE A 17 3.30 0.56 -4.44
N CYS A 18 2.44 1.13 -3.61
CA CYS A 18 1.07 1.43 -3.99
C CYS A 18 0.95 2.86 -4.53
N NH2 A 19 1.95 3.31 -5.25
HN1 NH2 A 19 2.72 3.72 -4.79
HN2 NH2 A 19 1.91 3.21 -6.23
N ARG A 1 2.33 -7.27 -6.64
CA ARG A 1 2.26 -6.02 -5.84
C ARG A 1 2.29 -6.32 -4.35
N ASP A 2 2.69 -5.33 -3.56
CA ASP A 2 2.76 -5.50 -2.10
C ASP A 2 1.39 -5.85 -1.53
N PRO A 3 1.34 -6.24 -0.25
CA PRO A 3 0.10 -6.61 0.42
C PRO A 3 -0.62 -5.41 1.00
N CYS A 4 0.12 -4.55 1.66
CA CYS A 4 -0.44 -3.34 2.23
C CYS A 4 -0.89 -2.38 1.13
N CYS A 5 -0.57 -2.74 -0.12
CA CYS A 5 -0.94 -1.92 -1.27
C CYS A 5 -2.36 -2.26 -1.72
N SER A 6 -2.79 -3.48 -1.42
CA SER A 6 -4.13 -3.92 -1.80
C SER A 6 -5.18 -3.16 -0.98
N ASN A 7 -4.81 -2.80 0.24
CA ASN A 7 -5.70 -2.07 1.13
C ASN A 7 -5.35 -0.58 1.13
N PRO A 8 -6.27 0.28 0.64
CA PRO A 8 -6.04 1.74 0.59
C PRO A 8 -5.65 2.33 1.95
N VAL A 9 -5.86 1.57 3.02
CA VAL A 9 -5.52 2.05 4.34
C VAL A 9 -4.01 1.97 4.55
N CYS A 10 -3.49 0.76 4.37
CA CYS A 10 -2.08 0.51 4.52
C CYS A 10 -1.29 1.16 3.38
N THR A 11 -1.90 1.21 2.19
CA THR A 11 -1.27 1.79 1.03
C THR A 11 -0.59 3.12 1.37
N VAL A 12 -1.27 3.93 2.16
CA VAL A 12 -0.75 5.23 2.57
C VAL A 12 0.64 5.10 3.18
N HIS A 13 0.75 4.22 4.16
CA HIS A 13 2.04 3.99 4.84
C HIS A 13 3.06 3.37 3.88
N ASN A 14 2.59 2.88 2.73
CA ASN A 14 3.47 2.26 1.75
C ASN A 14 3.40 3.00 0.41
N PRO A 15 3.99 4.20 0.33
CA PRO A 15 3.99 5.01 -0.89
C PRO A 15 5.18 4.72 -1.79
N GLN A 16 5.69 3.49 -1.72
CA GLN A 16 6.84 3.10 -2.52
C GLN A 16 6.40 2.30 -3.75
N ILE A 17 5.21 1.71 -3.67
CA ILE A 17 4.66 0.93 -4.76
C ILE A 17 3.39 1.57 -5.30
N CYS A 18 2.57 2.07 -4.39
CA CYS A 18 1.31 2.71 -4.76
C CYS A 18 0.94 3.79 -3.75
N NH2 A 19 1.92 4.56 -3.29
HN1 NH2 A 19 2.85 4.26 -3.43
HN2 NH2 A 19 1.69 5.40 -2.84
N ARG A 1 2.94 -7.09 -7.18
CA ARG A 1 2.57 -6.03 -6.21
C ARG A 1 2.61 -6.54 -4.77
N ASP A 2 2.57 -5.62 -3.82
CA ASP A 2 2.60 -5.99 -2.41
C ASP A 2 1.19 -6.32 -1.90
N PRO A 3 1.09 -6.77 -0.64
CA PRO A 3 -0.19 -7.13 -0.04
C PRO A 3 -0.87 -5.93 0.61
N CYS A 4 -0.10 -5.15 1.34
CA CYS A 4 -0.63 -3.96 1.99
C CYS A 4 -1.17 -2.99 0.94
N CYS A 5 -0.83 -3.24 -0.32
CA CYS A 5 -1.28 -2.39 -1.42
C CYS A 5 -2.76 -2.64 -1.72
N SER A 6 -3.21 -3.86 -1.42
CA SER A 6 -4.61 -4.22 -1.65
C SER A 6 -5.53 -3.48 -0.69
N ASN A 7 -4.97 -3.08 0.45
CA ASN A 7 -5.73 -2.34 1.46
C ASN A 7 -5.44 -0.85 1.36
N PRO A 8 -6.47 -0.02 1.08
CA PRO A 8 -6.31 1.43 0.96
C PRO A 8 -5.79 2.08 2.24
N VAL A 9 -5.79 1.35 3.34
CA VAL A 9 -5.31 1.86 4.61
C VAL A 9 -3.78 1.86 4.61
N CYS A 10 -3.22 0.70 4.34
CA CYS A 10 -1.78 0.54 4.31
C CYS A 10 -1.14 1.38 3.21
N THR A 11 -1.81 1.50 2.07
CA THR A 11 -1.30 2.26 0.95
C THR A 11 -0.73 3.61 1.39
N VAL A 12 -1.36 4.21 2.40
CA VAL A 12 -0.91 5.49 2.91
C VAL A 12 0.52 5.43 3.43
N HIS A 13 0.78 4.41 4.24
CA HIS A 13 2.10 4.22 4.81
C HIS A 13 2.99 3.35 3.91
N ASN A 14 2.57 3.19 2.66
CA ASN A 14 3.33 2.38 1.70
C ASN A 14 3.32 3.03 0.32
N PRO A 15 3.82 4.27 0.22
CA PRO A 15 3.88 5.00 -1.04
C PRO A 15 5.17 4.76 -1.81
N GLN A 16 5.81 3.62 -1.56
CA GLN A 16 7.05 3.26 -2.23
C GLN A 16 6.79 2.29 -3.39
N ILE A 17 5.66 1.59 -3.31
CA ILE A 17 5.28 0.64 -4.34
C ILE A 17 3.99 1.07 -5.02
N CYS A 18 3.05 1.57 -4.22
CA CYS A 18 1.77 2.02 -4.74
C CYS A 18 1.71 3.54 -4.83
N NH2 A 19 1.07 4.06 -5.86
HN1 NH2 A 19 0.94 3.51 -6.65
HN2 NH2 A 19 0.72 4.97 -5.77
N ARG A 1 2.22 -8.15 -7.06
CA ARG A 1 2.09 -6.78 -6.49
C ARG A 1 2.18 -6.80 -4.97
N ASP A 2 2.50 -5.65 -4.38
CA ASP A 2 2.62 -5.54 -2.93
C ASP A 2 1.30 -5.90 -2.25
N PRO A 3 1.35 -6.20 -0.94
CA PRO A 3 0.16 -6.55 -0.17
C PRO A 3 -0.53 -5.34 0.42
N CYS A 4 0.27 -4.43 0.98
CA CYS A 4 -0.26 -3.21 1.55
C CYS A 4 -0.91 -2.35 0.47
N CYS A 5 -0.70 -2.74 -0.79
CA CYS A 5 -1.27 -2.00 -1.92
C CYS A 5 -2.74 -2.36 -2.10
N SER A 6 -3.10 -3.59 -1.76
CA SER A 6 -4.47 -4.06 -1.89
C SER A 6 -5.37 -3.34 -0.89
N ASN A 7 -4.78 -2.92 0.23
CA ASN A 7 -5.53 -2.22 1.26
C ASN A 7 -5.29 -0.71 1.15
N PRO A 8 -6.37 0.10 1.08
CA PRO A 8 -6.25 1.55 0.97
C PRO A 8 -5.77 2.21 2.26
N VAL A 9 -5.63 1.42 3.32
CA VAL A 9 -5.15 1.93 4.59
C VAL A 9 -3.64 2.00 4.58
N CYS A 10 -3.02 0.85 4.33
CA CYS A 10 -1.58 0.75 4.27
C CYS A 10 -1.01 1.58 3.12
N THR A 11 -1.73 1.63 2.01
CA THR A 11 -1.28 2.38 0.85
C THR A 11 -0.73 3.75 1.22
N VAL A 12 -1.38 4.39 2.18
CA VAL A 12 -0.97 5.71 2.64
C VAL A 12 0.44 5.67 3.21
N HIS A 13 0.67 4.75 4.14
CA HIS A 13 1.97 4.62 4.77
C HIS A 13 2.96 3.86 3.87
N ASN A 14 2.49 3.46 2.69
CA ASN A 14 3.34 2.72 1.75
C ASN A 14 3.33 3.40 0.38
N PRO A 15 3.89 4.60 0.27
CA PRO A 15 3.95 5.35 -0.98
C PRO A 15 5.20 5.03 -1.81
N GLN A 16 5.83 3.90 -1.50
CA GLN A 16 7.04 3.48 -2.21
C GLN A 16 6.73 2.44 -3.28
N ILE A 17 5.67 1.66 -3.04
CA ILE A 17 5.28 0.62 -3.99
C ILE A 17 3.94 0.97 -4.65
N CYS A 18 3.11 1.71 -3.94
CA CYS A 18 1.81 2.12 -4.47
C CYS A 18 1.87 3.54 -5.02
N NH2 A 19 0.89 3.91 -5.86
HN1 NH2 A 19 0.21 3.24 -6.09
HN2 NH2 A 19 0.90 4.82 -6.21
N ARG A 1 1.62 -8.52 -6.85
CA ARG A 1 1.49 -7.15 -6.28
C ARG A 1 1.69 -7.16 -4.77
N ASP A 2 1.88 -5.98 -4.20
CA ASP A 2 2.08 -5.85 -2.76
C ASP A 2 0.78 -6.11 -2.01
N PRO A 3 0.87 -6.39 -0.70
CA PRO A 3 -0.30 -6.67 0.13
C PRO A 3 -0.92 -5.40 0.70
N CYS A 4 -0.07 -4.51 1.19
CA CYS A 4 -0.54 -3.25 1.73
C CYS A 4 -1.12 -2.37 0.61
N CYS A 5 -0.97 -2.83 -0.63
CA CYS A 5 -1.50 -2.08 -1.77
C CYS A 5 -2.98 -2.39 -1.96
N SER A 6 -3.36 -3.64 -1.69
CA SER A 6 -4.76 -4.05 -1.82
C SER A 6 -5.61 -3.40 -0.74
N ASN A 7 -4.98 -3.01 0.36
CA ASN A 7 -5.69 -2.36 1.46
C ASN A 7 -5.51 -0.84 1.40
N PRO A 8 -6.59 -0.09 1.16
CA PRO A 8 -6.54 1.37 1.07
C PRO A 8 -6.04 2.03 2.35
N VAL A 9 -5.98 1.26 3.44
CA VAL A 9 -5.50 1.78 4.70
C VAL A 9 -3.99 1.87 4.68
N CYS A 10 -3.36 0.75 4.39
CA CYS A 10 -1.92 0.66 4.35
C CYS A 10 -1.35 1.52 3.21
N THR A 11 -2.06 1.56 2.08
CA THR A 11 -1.62 2.31 0.92
C THR A 11 -1.12 3.69 1.31
N VAL A 12 -1.78 4.30 2.30
CA VAL A 12 -1.42 5.62 2.78
C VAL A 12 0.00 5.64 3.34
N HIS A 13 0.28 4.70 4.24
CA HIS A 13 1.60 4.61 4.86
C HIS A 13 2.59 3.85 3.98
N ASN A 14 2.16 3.49 2.77
CA ASN A 14 3.00 2.77 1.84
C ASN A 14 3.02 3.44 0.46
N PRO A 15 3.61 4.65 0.37
CA PRO A 15 3.68 5.40 -0.87
C PRO A 15 4.94 5.08 -1.68
N GLN A 16 5.56 3.94 -1.39
CA GLN A 16 6.76 3.52 -2.09
C GLN A 16 6.44 2.51 -3.18
N ILE A 17 5.40 1.71 -2.96
CA ILE A 17 4.98 0.70 -3.91
C ILE A 17 3.64 1.07 -4.55
N CYS A 18 2.81 1.78 -3.80
CA CYS A 18 1.50 2.19 -4.30
C CYS A 18 1.47 3.69 -4.58
N NH2 A 19 0.97 4.48 -3.63
HN1 NH2 A 19 1.33 4.41 -2.73
HN2 NH2 A 19 0.23 5.09 -3.88
N ARG A 1 3.81 -7.86 -6.43
CA ARG A 1 2.56 -7.17 -5.98
C ARG A 1 2.51 -7.05 -4.47
N ASP A 2 2.66 -5.83 -3.97
CA ASP A 2 2.63 -5.58 -2.53
C ASP A 2 1.26 -5.91 -1.94
N PRO A 3 1.22 -6.34 -0.67
CA PRO A 3 -0.02 -6.69 0.00
C PRO A 3 -0.68 -5.50 0.67
N CYS A 4 0.11 -4.72 1.38
CA CYS A 4 -0.39 -3.53 2.05
C CYS A 4 -0.92 -2.52 1.02
N CYS A 5 -0.65 -2.78 -0.26
CA CYS A 5 -1.10 -1.90 -1.33
C CYS A 5 -2.56 -2.22 -1.69
N SER A 6 -2.97 -3.45 -1.45
CA SER A 6 -4.34 -3.87 -1.75
C SER A 6 -5.31 -3.15 -0.82
N ASN A 7 -4.86 -2.85 0.38
CA ASN A 7 -5.68 -2.15 1.37
C ASN A 7 -5.31 -0.66 1.40
N PRO A 8 -6.26 0.22 1.06
CA PRO A 8 -6.02 1.67 1.03
C PRO A 8 -5.58 2.22 2.40
N VAL A 9 -5.70 1.41 3.44
CA VAL A 9 -5.29 1.82 4.76
C VAL A 9 -3.77 1.77 4.88
N CYS A 10 -3.23 0.59 4.59
CA CYS A 10 -1.80 0.38 4.64
C CYS A 10 -1.11 1.13 3.51
N THR A 11 -1.76 1.18 2.35
CA THR A 11 -1.21 1.86 1.18
C THR A 11 -0.62 3.22 1.54
N VAL A 12 -1.27 3.91 2.47
CA VAL A 12 -0.83 5.21 2.91
C VAL A 12 0.59 5.16 3.46
N HIS A 13 0.83 4.21 4.35
CA HIS A 13 2.14 4.03 4.96
C HIS A 13 3.10 3.28 4.04
N ASN A 14 2.64 2.95 2.85
CA ASN A 14 3.47 2.24 1.88
C ASN A 14 3.42 2.91 0.51
N PRO A 15 3.87 4.17 0.43
CA PRO A 15 3.87 4.94 -0.82
C PRO A 15 5.17 4.74 -1.62
N GLN A 16 5.77 3.56 -1.48
CA GLN A 16 7.01 3.27 -2.20
C GLN A 16 6.72 2.42 -3.44
N ILE A 17 5.60 1.71 -3.42
CA ILE A 17 5.21 0.86 -4.53
C ILE A 17 3.91 1.35 -5.14
N CYS A 18 2.99 1.77 -4.29
CA CYS A 18 1.69 2.27 -4.74
C CYS A 18 1.82 3.65 -5.37
N NH2 A 19 1.09 3.89 -6.46
HN1 NH2 A 19 0.25 4.38 -6.34
HN2 NH2 A 19 1.42 3.58 -7.31
N ARG A 1 2.65 -6.84 -7.29
CA ARG A 1 1.96 -5.84 -6.43
C ARG A 1 2.02 -6.23 -4.96
N ASP A 2 2.41 -5.29 -4.11
CA ASP A 2 2.52 -5.54 -2.68
C ASP A 2 1.16 -5.95 -2.10
N PRO A 3 1.15 -6.45 -0.86
CA PRO A 3 -0.07 -6.88 -0.19
C PRO A 3 -0.76 -5.74 0.53
N CYS A 4 0.02 -4.96 1.25
CA CYS A 4 -0.52 -3.81 1.97
C CYS A 4 -1.14 -2.83 0.99
N CYS A 5 -0.86 -3.02 -0.30
CA CYS A 5 -1.40 -2.15 -1.34
C CYS A 5 -2.87 -2.47 -1.62
N SER A 6 -3.26 -3.71 -1.30
CA SER A 6 -4.64 -4.13 -1.51
C SER A 6 -5.58 -3.39 -0.57
N ASN A 7 -5.05 -3.01 0.59
CA ASN A 7 -5.82 -2.28 1.59
C ASN A 7 -5.47 -0.79 1.56
N PRO A 8 -6.41 0.07 1.12
CA PRO A 8 -6.18 1.52 1.05
C PRO A 8 -5.71 2.12 2.36
N VAL A 9 -5.85 1.37 3.46
CA VAL A 9 -5.41 1.85 4.76
C VAL A 9 -3.90 1.81 4.84
N CYS A 10 -3.35 0.65 4.58
CA CYS A 10 -1.92 0.45 4.60
C CYS A 10 -1.27 1.22 3.45
N THR A 11 -1.91 1.18 2.29
CA THR A 11 -1.42 1.85 1.10
C THR A 11 -0.95 3.27 1.42
N VAL A 12 -1.71 3.96 2.25
CA VAL A 12 -1.39 5.32 2.63
C VAL A 12 0.03 5.43 3.18
N HIS A 13 0.37 4.55 4.10
CA HIS A 13 1.70 4.54 4.70
C HIS A 13 2.66 3.65 3.91
N ASN A 14 2.30 3.33 2.67
CA ASN A 14 3.13 2.49 1.83
C ASN A 14 3.17 3.02 0.39
N PRO A 15 3.61 4.29 0.22
CA PRO A 15 3.69 4.91 -1.10
C PRO A 15 5.03 4.69 -1.79
N GLN A 16 5.68 3.58 -1.46
CA GLN A 16 6.97 3.24 -2.05
C GLN A 16 6.81 2.24 -3.19
N ILE A 17 5.71 1.49 -3.16
CA ILE A 17 5.43 0.50 -4.18
C ILE A 17 4.17 0.86 -4.95
N CYS A 18 3.17 1.35 -4.22
CA CYS A 18 1.89 1.73 -4.83
C CYS A 18 2.05 3.01 -5.64
N NH2 A 19 2.01 2.89 -6.96
HN1 NH2 A 19 2.29 3.67 -7.50
HN2 NH2 A 19 1.73 2.04 -7.34
N ARG A 1 2.70 -6.67 -7.04
CA ARG A 1 1.43 -6.47 -6.29
C ARG A 1 1.66 -6.56 -4.79
N ASP A 2 2.14 -5.47 -4.21
CA ASP A 2 2.40 -5.42 -2.77
C ASP A 2 1.13 -5.69 -1.97
N PRO A 3 1.28 -5.97 -0.66
CA PRO A 3 0.14 -6.25 0.22
C PRO A 3 -0.48 -4.99 0.77
N CYS A 4 0.35 -4.08 1.25
CA CYS A 4 -0.12 -2.81 1.78
C CYS A 4 -0.76 -1.99 0.66
N CYS A 5 -0.61 -2.44 -0.58
CA CYS A 5 -1.18 -1.74 -1.72
C CYS A 5 -2.65 -2.13 -1.92
N SER A 6 -2.99 -3.34 -1.50
CA SER A 6 -4.35 -3.85 -1.64
C SER A 6 -5.27 -3.18 -0.63
N ASN A 7 -4.71 -2.77 0.51
CA ASN A 7 -5.48 -2.11 1.55
C ASN A 7 -5.31 -0.59 1.49
N PRO A 8 -6.40 0.16 1.28
CA PRO A 8 -6.34 1.62 1.19
C PRO A 8 -5.71 2.26 2.42
N VAL A 9 -5.79 1.57 3.55
CA VAL A 9 -5.22 2.07 4.78
C VAL A 9 -3.70 2.05 4.68
N CYS A 10 -3.19 0.91 4.24
CA CYS A 10 -1.77 0.71 4.08
C CYS A 10 -1.17 1.69 3.08
N THR A 11 -1.82 1.82 1.91
CA THR A 11 -1.35 2.69 0.85
C THR A 11 -0.91 4.06 1.39
N VAL A 12 -1.57 4.51 2.45
CA VAL A 12 -1.26 5.78 3.06
C VAL A 12 0.16 5.81 3.61
N HIS A 13 0.49 4.82 4.43
CA HIS A 13 1.82 4.72 5.02
C HIS A 13 2.74 3.83 4.20
N ASN A 14 2.33 3.51 2.97
CA ASN A 14 3.12 2.66 2.09
C ASN A 14 3.08 3.18 0.65
N PRO A 15 3.50 4.44 0.43
CA PRO A 15 3.51 5.05 -0.90
C PRO A 15 4.81 4.78 -1.67
N GLN A 16 5.52 3.74 -1.28
CA GLN A 16 6.78 3.39 -1.94
C GLN A 16 6.56 2.25 -2.94
N ILE A 17 5.48 1.51 -2.76
CA ILE A 17 5.14 0.40 -3.64
C ILE A 17 3.81 0.65 -4.34
N CYS A 18 2.87 1.21 -3.58
CA CYS A 18 1.54 1.50 -4.12
C CYS A 18 1.44 2.96 -4.54
N NH2 A 19 0.23 3.45 -4.74
HN1 NH2 A 19 -0.10 3.57 -5.65
HN2 NH2 A 19 -0.32 3.64 -3.94
N ARG A 1 2.36 -6.89 -7.43
CA ARG A 1 1.38 -6.16 -6.59
C ARG A 1 1.61 -6.46 -5.11
N ASP A 2 2.05 -5.44 -4.37
CA ASP A 2 2.31 -5.59 -2.94
C ASP A 2 1.02 -5.96 -2.19
N PRO A 3 1.13 -6.28 -0.89
CA PRO A 3 -0.02 -6.65 -0.07
C PRO A 3 -0.69 -5.44 0.55
N CYS A 4 0.12 -4.55 1.09
CA CYS A 4 -0.41 -3.33 1.69
C CYS A 4 -1.08 -2.47 0.63
N CYS A 5 -0.90 -2.84 -0.64
CA CYS A 5 -1.50 -2.10 -1.74
C CYS A 5 -2.97 -2.46 -1.89
N SER A 6 -3.31 -3.69 -1.52
CA SER A 6 -4.70 -4.15 -1.60
C SER A 6 -5.56 -3.43 -0.59
N ASN A 7 -4.93 -2.98 0.50
CA ASN A 7 -5.63 -2.27 1.55
C ASN A 7 -5.43 -0.75 1.40
N PRO A 8 -6.50 0.01 1.13
CA PRO A 8 -6.41 1.46 0.96
C PRO A 8 -5.89 2.18 2.19
N VAL A 9 -5.81 1.47 3.31
CA VAL A 9 -5.31 2.05 4.54
C VAL A 9 -3.80 2.12 4.49
N CYS A 10 -3.18 0.98 4.24
CA CYS A 10 -1.74 0.88 4.17
C CYS A 10 -1.19 1.70 3.01
N THR A 11 -1.90 1.70 1.88
CA THR A 11 -1.48 2.43 0.70
C THR A 11 -1.01 3.84 1.05
N VAL A 12 -1.68 4.45 2.02
CA VAL A 12 -1.34 5.80 2.45
C VAL A 12 0.07 5.86 3.02
N HIS A 13 0.37 4.94 3.92
CA HIS A 13 1.69 4.89 4.54
C HIS A 13 2.66 4.04 3.72
N ASN A 14 2.28 3.71 2.49
CA ASN A 14 3.12 2.91 1.61
C ASN A 14 3.20 3.53 0.22
N PRO A 15 3.79 4.73 0.10
CA PRO A 15 3.91 5.44 -1.17
C PRO A 15 5.22 5.10 -1.89
N GLN A 16 5.83 3.97 -1.53
CA GLN A 16 7.08 3.55 -2.15
C GLN A 16 6.85 2.47 -3.19
N ILE A 17 5.79 1.69 -3.02
CA ILE A 17 5.46 0.63 -3.95
C ILE A 17 4.20 0.96 -4.75
N CYS A 18 3.30 1.73 -4.14
CA CYS A 18 2.06 2.11 -4.80
C CYS A 18 1.39 3.28 -4.07
N NH2 A 19 1.24 3.16 -2.76
HN1 NH2 A 19 0.35 2.94 -2.42
HN2 NH2 A 19 1.99 3.39 -2.18
N ARG A 1 2.20 -9.19 -6.60
CA ARG A 1 1.81 -7.81 -6.23
C ARG A 1 2.00 -7.58 -4.73
N ASP A 2 1.90 -6.31 -4.32
CA ASP A 2 2.06 -5.95 -2.91
C ASP A 2 0.74 -6.11 -2.16
N PRO A 3 0.81 -6.44 -0.86
CA PRO A 3 -0.36 -6.62 -0.02
C PRO A 3 -0.84 -5.33 0.60
N CYS A 4 0.11 -4.56 1.12
CA CYS A 4 -0.21 -3.28 1.74
C CYS A 4 -0.80 -2.33 0.69
N CYS A 5 -0.72 -2.73 -0.58
CA CYS A 5 -1.27 -1.92 -1.66
C CYS A 5 -2.76 -2.18 -1.83
N SER A 6 -3.19 -3.39 -1.46
CA SER A 6 -4.59 -3.76 -1.57
C SER A 6 -5.43 -3.06 -0.52
N ASN A 7 -4.80 -2.63 0.57
CA ASN A 7 -5.50 -1.94 1.65
C ASN A 7 -5.31 -0.43 1.53
N PRO A 8 -6.36 0.31 1.13
CA PRO A 8 -6.29 1.77 0.98
C PRO A 8 -5.81 2.46 2.25
N VAL A 9 -5.97 1.79 3.39
CA VAL A 9 -5.53 2.34 4.65
C VAL A 9 -4.01 2.27 4.74
N CYS A 10 -3.50 1.07 4.51
CA CYS A 10 -2.08 0.82 4.55
C CYS A 10 -1.35 1.62 3.47
N THR A 11 -1.93 1.67 2.27
CA THR A 11 -1.33 2.38 1.14
C THR A 11 -0.81 3.76 1.56
N VAL A 12 -1.54 4.42 2.45
CA VAL A 12 -1.16 5.73 2.93
C VAL A 12 0.22 5.72 3.56
N HIS A 13 0.40 4.85 4.56
CA HIS A 13 1.67 4.74 5.25
C HIS A 13 2.76 4.20 4.33
N ASN A 14 2.35 3.63 3.19
CA ASN A 14 3.30 3.07 2.23
C ASN A 14 3.13 3.72 0.86
N PRO A 15 3.64 4.95 0.69
CA PRO A 15 3.55 5.68 -0.56
C PRO A 15 4.75 5.43 -1.47
N GLN A 16 5.39 4.27 -1.31
CA GLN A 16 6.55 3.93 -2.12
C GLN A 16 6.21 2.88 -3.17
N ILE A 17 5.21 2.06 -2.88
CA ILE A 17 4.79 1.01 -3.82
C ILE A 17 3.43 1.34 -4.43
N CYS A 18 2.62 2.09 -3.71
CA CYS A 18 1.30 2.48 -4.20
C CYS A 18 1.27 3.95 -4.58
N NH2 A 19 1.17 4.84 -3.59
HN1 NH2 A 19 1.97 5.00 -3.04
HN2 NH2 A 19 0.32 5.28 -3.45
N ARG A 1 3.15 -6.52 -6.82
CA ARG A 1 1.87 -6.28 -6.10
C ARG A 1 1.99 -6.62 -4.63
N ASP A 2 2.46 -5.67 -3.83
CA ASP A 2 2.62 -5.87 -2.40
C ASP A 2 1.28 -6.20 -1.74
N PRO A 3 1.31 -6.53 -0.44
CA PRO A 3 0.10 -6.89 0.31
C PRO A 3 -0.60 -5.66 0.88
N CYS A 4 0.19 -4.77 1.45
CA CYS A 4 -0.36 -3.53 2.01
C CYS A 4 -0.92 -2.66 0.90
N CYS A 5 -0.67 -3.06 -0.35
CA CYS A 5 -1.16 -2.30 -1.51
C CYS A 5 -2.60 -2.68 -1.81
N SER A 6 -2.99 -3.89 -1.41
CA SER A 6 -4.35 -4.37 -1.64
C SER A 6 -5.33 -3.56 -0.81
N ASN A 7 -4.89 -3.11 0.36
CA ASN A 7 -5.73 -2.32 1.25
C ASN A 7 -5.40 -0.83 1.10
N PRO A 8 -6.43 0.03 1.02
CA PRO A 8 -6.24 1.47 0.87
C PRO A 8 -5.81 2.15 2.16
N VAL A 9 -5.71 1.38 3.24
CA VAL A 9 -5.29 1.91 4.52
C VAL A 9 -3.77 1.94 4.59
N CYS A 10 -3.18 0.76 4.44
CA CYS A 10 -1.74 0.61 4.49
C CYS A 10 -1.06 1.41 3.37
N THR A 11 -1.76 1.55 2.24
CA THR A 11 -1.22 2.26 1.10
C THR A 11 -0.56 3.57 1.51
N VAL A 12 -1.17 4.26 2.46
CA VAL A 12 -0.65 5.52 2.96
C VAL A 12 0.75 5.35 3.54
N HIS A 13 0.89 4.37 4.42
CA HIS A 13 2.18 4.10 5.06
C HIS A 13 3.11 3.34 4.12
N ASN A 14 2.62 3.00 2.93
CA ASN A 14 3.42 2.26 1.95
C ASN A 14 3.33 2.91 0.58
N PRO A 15 3.72 4.19 0.45
CA PRO A 15 3.68 4.92 -0.81
C PRO A 15 4.96 4.76 -1.63
N GLN A 16 5.64 3.63 -1.45
CA GLN A 16 6.88 3.36 -2.19
C GLN A 16 6.61 2.43 -3.37
N ILE A 17 5.52 1.67 -3.29
CA ILE A 17 5.16 0.75 -4.35
C ILE A 17 3.81 1.15 -4.96
N CYS A 18 2.90 1.57 -4.11
CA CYS A 18 1.57 1.98 -4.56
C CYS A 18 1.60 3.40 -5.10
N NH2 A 19 2.05 3.58 -6.33
HN1 NH2 A 19 1.68 4.31 -6.86
HN2 NH2 A 19 2.75 2.97 -6.66
N ARG A 1 2.86 -8.23 -6.72
CA ARG A 1 1.80 -7.36 -6.14
C ARG A 1 1.99 -7.18 -4.64
N ASP A 2 2.34 -5.97 -4.23
CA ASP A 2 2.54 -5.66 -2.82
C ASP A 2 1.28 -5.93 -2.01
N PRO A 3 1.42 -6.13 -0.70
CA PRO A 3 0.29 -6.40 0.19
C PRO A 3 -0.36 -5.13 0.71
N CYS A 4 0.47 -4.20 1.16
CA CYS A 4 -0.03 -2.93 1.65
C CYS A 4 -0.70 -2.15 0.52
N CYS A 5 -0.56 -2.64 -0.71
CA CYS A 5 -1.18 -1.98 -1.86
C CYS A 5 -2.63 -2.39 -2.00
N SER A 6 -2.97 -3.58 -1.51
CA SER A 6 -4.33 -4.09 -1.59
C SER A 6 -5.25 -3.33 -0.66
N ASN A 7 -4.70 -2.84 0.46
CA ASN A 7 -5.48 -2.09 1.43
C ASN A 7 -5.25 -0.60 1.26
N PRO A 8 -6.31 0.22 1.36
CA PRO A 8 -6.21 1.67 1.22
C PRO A 8 -5.52 2.33 2.41
N VAL A 9 -5.55 1.66 3.55
CA VAL A 9 -4.91 2.18 4.73
C VAL A 9 -3.39 2.06 4.59
N CYS A 10 -2.97 0.86 4.22
CA CYS A 10 -1.56 0.57 4.03
C CYS A 10 -0.95 1.49 2.98
N THR A 11 -1.64 1.64 1.84
CA THR A 11 -1.16 2.46 0.75
C THR A 11 -0.62 3.81 1.25
N VAL A 12 -1.22 4.33 2.31
CA VAL A 12 -0.81 5.59 2.89
C VAL A 12 0.59 5.49 3.50
N HIS A 13 0.73 4.55 4.42
CA HIS A 13 2.01 4.33 5.09
C HIS A 13 3.04 3.70 4.15
N ASN A 14 2.58 3.28 2.97
CA ASN A 14 3.47 2.68 1.99
C ASN A 14 3.39 3.41 0.65
N PRO A 15 3.94 4.63 0.58
CA PRO A 15 3.93 5.43 -0.64
C PRO A 15 5.17 5.20 -1.51
N GLN A 16 5.85 4.07 -1.28
CA GLN A 16 7.05 3.74 -2.04
C GLN A 16 6.74 2.73 -3.14
N ILE A 17 5.72 1.90 -2.91
CA ILE A 17 5.33 0.89 -3.89
C ILE A 17 3.99 1.23 -4.52
N CYS A 18 3.14 1.93 -3.77
CA CYS A 18 1.83 2.32 -4.27
C CYS A 18 1.80 3.80 -4.62
N NH2 A 19 0.95 4.17 -5.58
HN1 NH2 A 19 0.11 3.70 -5.66
HN2 NH2 A 19 1.24 4.88 -6.20
N ARG A 1 2.52 -8.85 -6.52
CA ARG A 1 2.04 -7.48 -6.22
C ARG A 1 2.26 -7.13 -4.75
N ASP A 2 2.08 -5.85 -4.42
CA ASP A 2 2.25 -5.39 -3.05
C ASP A 2 1.04 -5.74 -2.19
N PRO A 3 1.26 -6.04 -0.89
CA PRO A 3 0.19 -6.39 0.02
C PRO A 3 -0.48 -5.18 0.64
N CYS A 4 0.34 -4.25 1.12
CA CYS A 4 -0.17 -3.04 1.71
C CYS A 4 -0.85 -2.17 0.66
N CYS A 5 -0.74 -2.58 -0.61
CA CYS A 5 -1.36 -1.84 -1.70
C CYS A 5 -2.82 -2.26 -1.89
N SER A 6 -3.12 -3.51 -1.53
CA SER A 6 -4.46 -4.03 -1.66
C SER A 6 -5.39 -3.35 -0.66
N ASN A 7 -4.83 -2.97 0.49
CA ASN A 7 -5.60 -2.31 1.53
C ASN A 7 -5.38 -0.81 1.48
N PRO A 8 -6.46 -0.01 1.55
CA PRO A 8 -6.37 1.45 1.50
C PRO A 8 -5.87 2.05 2.81
N VAL A 9 -5.64 1.21 3.80
CA VAL A 9 -5.13 1.68 5.08
C VAL A 9 -3.62 1.81 5.03
N CYS A 10 -2.97 0.70 4.72
CA CYS A 10 -1.53 0.66 4.63
C CYS A 10 -1.02 1.55 3.49
N THR A 11 -1.81 1.63 2.41
CA THR A 11 -1.43 2.42 1.25
C THR A 11 -0.87 3.79 1.65
N VAL A 12 -1.49 4.39 2.66
CA VAL A 12 -1.08 5.70 3.15
C VAL A 12 0.36 5.68 3.64
N HIS A 13 0.65 4.75 4.55
CA HIS A 13 1.98 4.61 5.11
C HIS A 13 2.90 3.77 4.23
N ASN A 14 2.40 3.39 3.05
CA ASN A 14 3.19 2.58 2.13
C ASN A 14 3.07 3.09 0.70
N PRO A 15 3.38 4.40 0.47
CA PRO A 15 3.30 5.01 -0.85
C PRO A 15 4.61 4.89 -1.63
N GLN A 16 5.44 3.93 -1.25
CA GLN A 16 6.73 3.73 -1.92
C GLN A 16 6.73 2.47 -2.79
N ILE A 17 5.67 1.66 -2.68
CA ILE A 17 5.57 0.43 -3.46
C ILE A 17 4.44 0.53 -4.49
N CYS A 18 3.41 1.32 -4.16
CA CYS A 18 2.28 1.49 -5.06
C CYS A 18 2.00 2.97 -5.31
N NH2 A 19 1.95 3.76 -4.24
HN1 NH2 A 19 1.85 3.35 -3.36
HN2 NH2 A 19 2.04 4.73 -4.38
N ARG A 1 4.04 -7.66 -6.48
CA ARG A 1 2.68 -7.45 -5.93
C ARG A 1 2.71 -7.26 -4.42
N ASP A 2 2.74 -6.02 -3.98
CA ASP A 2 2.77 -5.70 -2.55
C ASP A 2 1.41 -5.99 -1.91
N PRO A 3 1.41 -6.31 -0.60
CA PRO A 3 0.20 -6.61 0.14
C PRO A 3 -0.46 -5.37 0.70
N CYS A 4 0.34 -4.48 1.27
CA CYS A 4 -0.16 -3.24 1.82
C CYS A 4 -0.68 -2.34 0.70
N CYS A 5 -0.44 -2.75 -0.54
CA CYS A 5 -0.89 -1.98 -1.70
C CYS A 5 -2.35 -2.32 -2.04
N SER A 6 -2.76 -3.53 -1.69
CA SER A 6 -4.13 -3.99 -1.94
C SER A 6 -5.11 -3.21 -1.08
N ASN A 7 -4.66 -2.83 0.11
CA ASN A 7 -5.51 -2.07 1.03
C ASN A 7 -5.17 -0.58 0.97
N PRO A 8 -6.19 0.29 0.91
CA PRO A 8 -5.99 1.73 0.84
C PRO A 8 -5.58 2.34 2.18
N VAL A 9 -5.49 1.51 3.21
CA VAL A 9 -5.09 1.98 4.53
C VAL A 9 -3.57 2.00 4.62
N CYS A 10 -2.97 0.84 4.42
CA CYS A 10 -1.54 0.68 4.48
C CYS A 10 -0.85 1.50 3.39
N THR A 11 -1.53 1.69 2.25
CA THR A 11 -0.98 2.43 1.14
C THR A 11 -0.31 3.72 1.60
N VAL A 12 -0.92 4.39 2.56
CA VAL A 12 -0.39 5.64 3.09
C VAL A 12 1.02 5.44 3.64
N HIS A 13 1.18 4.44 4.49
CA HIS A 13 2.48 4.14 5.09
C HIS A 13 3.39 3.40 4.11
N ASN A 14 2.87 3.09 2.93
CA ASN A 14 3.65 2.38 1.91
C ASN A 14 3.52 3.06 0.55
N PRO A 15 3.94 4.33 0.45
CA PRO A 15 3.87 5.10 -0.79
C PRO A 15 5.11 4.92 -1.67
N GLN A 16 5.63 3.69 -1.70
CA GLN A 16 6.81 3.39 -2.50
C GLN A 16 6.51 2.39 -3.61
N ILE A 17 5.38 1.67 -3.48
CA ILE A 17 4.99 0.69 -4.48
C ILE A 17 3.75 1.15 -5.24
N CYS A 18 2.92 1.96 -4.60
CA CYS A 18 1.71 2.48 -5.22
C CYS A 18 1.09 3.59 -4.38
N NH2 A 19 1.85 4.12 -3.43
HN1 NH2 A 19 2.39 4.90 -3.66
HN2 NH2 A 19 1.87 3.69 -2.55
N ARG A 1 3.45 -6.55 -7.26
CA ARG A 1 2.60 -5.73 -6.35
C ARG A 1 2.74 -6.20 -4.90
N ASP A 2 2.73 -5.26 -3.97
CA ASP A 2 2.86 -5.57 -2.55
C ASP A 2 1.50 -5.93 -1.95
N PRO A 3 1.46 -6.32 -0.67
CA PRO A 3 0.23 -6.68 0.02
C PRO A 3 -0.47 -5.48 0.62
N CYS A 4 0.30 -4.64 1.28
CA CYS A 4 -0.24 -3.43 1.88
C CYS A 4 -0.78 -2.51 0.79
N CYS A 5 -0.48 -2.83 -0.46
CA CYS A 5 -0.94 -2.02 -1.59
C CYS A 5 -2.40 -2.34 -1.91
N SER A 6 -2.82 -3.56 -1.59
CA SER A 6 -4.20 -3.98 -1.83
C SER A 6 -5.16 -3.21 -0.93
N ASN A 7 -4.66 -2.80 0.23
CA ASN A 7 -5.47 -2.05 1.19
C ASN A 7 -5.17 -0.56 1.09
N PRO A 8 -6.20 0.29 0.98
CA PRO A 8 -6.02 1.74 0.86
C PRO A 8 -5.54 2.38 2.17
N VAL A 9 -5.59 1.62 3.26
CA VAL A 9 -5.17 2.12 4.55
C VAL A 9 -3.64 2.13 4.64
N CYS A 10 -3.05 1.00 4.29
CA CYS A 10 -1.62 0.84 4.34
C CYS A 10 -0.93 1.67 3.25
N THR A 11 -1.58 1.79 2.10
CA THR A 11 -1.04 2.54 0.98
C THR A 11 -0.42 3.87 1.43
N VAL A 12 -1.04 4.48 2.42
CA VAL A 12 -0.58 5.75 2.95
C VAL A 12 0.84 5.64 3.49
N HIS A 13 1.06 4.67 4.36
CA HIS A 13 2.37 4.45 4.96
C HIS A 13 3.28 3.66 4.02
N ASN A 14 2.73 3.21 2.89
CA ASN A 14 3.51 2.45 1.92
C ASN A 14 3.29 2.99 0.50
N PRO A 15 3.67 4.25 0.26
CA PRO A 15 3.51 4.88 -1.05
C PRO A 15 4.73 4.70 -1.96
N GLN A 16 5.54 3.69 -1.67
CA GLN A 16 6.73 3.41 -2.45
C GLN A 16 6.48 2.28 -3.44
N ILE A 17 5.44 1.48 -3.18
CA ILE A 17 5.10 0.37 -4.04
C ILE A 17 3.72 0.59 -4.66
N CYS A 18 2.80 1.11 -3.85
CA CYS A 18 1.44 1.37 -4.31
C CYS A 18 1.34 2.73 -4.99
N NH2 A 19 2.16 3.68 -4.55
HN1 NH2 A 19 1.87 4.61 -4.62
HN2 NH2 A 19 3.05 3.42 -4.22
N ARG A 1 3.04 -7.40 -7.42
CA ARG A 1 2.09 -6.52 -6.69
C ARG A 1 2.28 -6.63 -5.19
N ASP A 2 2.22 -5.49 -4.50
CA ASP A 2 2.38 -5.46 -3.05
C ASP A 2 1.07 -5.80 -2.35
N PRO A 3 1.14 -6.17 -1.06
CA PRO A 3 -0.05 -6.51 -0.28
C PRO A 3 -0.68 -5.31 0.39
N CYS A 4 0.15 -4.48 0.99
CA CYS A 4 -0.33 -3.27 1.65
C CYS A 4 -0.97 -2.34 0.63
N CYS A 5 -0.80 -2.64 -0.66
CA CYS A 5 -1.39 -1.83 -1.72
C CYS A 5 -2.86 -2.14 -1.88
N SER A 6 -3.24 -3.38 -1.59
CA SER A 6 -4.63 -3.80 -1.70
C SER A 6 -5.48 -3.17 -0.60
N ASN A 7 -4.83 -2.78 0.50
CA ASN A 7 -5.52 -2.15 1.61
C ASN A 7 -5.35 -0.64 1.56
N PRO A 8 -6.46 0.12 1.40
CA PRO A 8 -6.43 1.58 1.32
C PRO A 8 -5.87 2.22 2.59
N VAL A 9 -5.75 1.44 3.66
CA VAL A 9 -5.21 1.94 4.91
C VAL A 9 -3.70 2.05 4.82
N CYS A 10 -3.07 0.94 4.46
CA CYS A 10 -1.64 0.88 4.34
C CYS A 10 -1.14 1.78 3.20
N THR A 11 -1.90 1.83 2.10
CA THR A 11 -1.53 2.63 0.95
C THR A 11 -1.06 4.01 1.35
N VAL A 12 -1.67 4.58 2.38
CA VAL A 12 -1.33 5.90 2.86
C VAL A 12 0.12 5.95 3.31
N HIS A 13 0.52 5.00 4.14
CA HIS A 13 1.88 4.93 4.65
C HIS A 13 2.75 3.99 3.80
N ASN A 14 2.32 3.74 2.57
CA ASN A 14 3.06 2.85 1.68
C ASN A 14 3.14 3.43 0.27
N PRO A 15 3.66 4.67 0.14
CA PRO A 15 3.79 5.33 -1.16
C PRO A 15 5.13 5.06 -1.84
N GLN A 16 5.79 3.98 -1.42
CA GLN A 16 7.07 3.60 -2.00
C GLN A 16 6.91 2.49 -3.03
N ILE A 17 5.79 1.77 -2.96
CA ILE A 17 5.50 0.71 -3.88
C ILE A 17 4.27 1.03 -4.71
N CYS A 18 3.27 1.63 -4.05
CA CYS A 18 2.03 1.99 -4.72
C CYS A 18 2.20 3.26 -5.54
N NH2 A 19 2.81 3.15 -6.71
HN1 NH2 A 19 2.26 3.03 -7.52
HN2 NH2 A 19 3.79 3.14 -6.73
N ARG A 1 2.41 -7.68 -7.21
CA ARG A 1 2.06 -6.49 -6.40
C ARG A 1 2.13 -6.80 -4.91
N ASP A 2 2.50 -5.78 -4.12
CA ASP A 2 2.62 -5.95 -2.68
C ASP A 2 1.26 -6.28 -2.06
N PRO A 3 1.24 -6.70 -0.78
CA PRO A 3 0.02 -7.05 -0.08
C PRO A 3 -0.64 -5.84 0.56
N CYS A 4 0.17 -5.01 1.22
CA CYS A 4 -0.33 -3.81 1.85
C CYS A 4 -0.89 -2.85 0.79
N CYS A 5 -0.62 -3.16 -0.47
CA CYS A 5 -1.10 -2.34 -1.58
C CYS A 5 -2.55 -2.65 -1.89
N SER A 6 -2.99 -3.85 -1.53
CA SER A 6 -4.36 -4.28 -1.77
C SER A 6 -5.33 -3.49 -0.88
N ASN A 7 -4.84 -3.07 0.29
CA ASN A 7 -5.65 -2.32 1.22
C ASN A 7 -5.34 -0.82 1.12
N PRO A 8 -6.38 0.03 1.10
CA PRO A 8 -6.19 1.48 1.00
C PRO A 8 -5.70 2.12 2.30
N VAL A 9 -5.56 1.30 3.34
CA VAL A 9 -5.07 1.80 4.61
C VAL A 9 -3.55 1.84 4.59
N CYS A 10 -2.95 0.68 4.34
CA CYS A 10 -1.53 0.55 4.28
C CYS A 10 -0.93 1.41 3.16
N THR A 11 -1.64 1.50 2.04
CA THR A 11 -1.18 2.27 0.90
C THR A 11 -0.63 3.63 1.32
N VAL A 12 -1.31 4.27 2.28
CA VAL A 12 -0.91 5.56 2.78
C VAL A 12 0.50 5.52 3.37
N HIS A 13 0.71 4.59 4.29
CA HIS A 13 2.01 4.43 4.94
C HIS A 13 2.99 3.66 4.06
N ASN A 14 2.55 3.28 2.86
CA ASN A 14 3.40 2.54 1.93
C ASN A 14 3.31 3.13 0.52
N PRO A 15 3.69 4.41 0.35
CA PRO A 15 3.65 5.08 -0.94
C PRO A 15 4.95 4.93 -1.71
N GLN A 16 5.61 3.79 -1.56
CA GLN A 16 6.88 3.53 -2.23
C GLN A 16 6.73 2.42 -3.28
N ILE A 17 5.69 1.61 -3.13
CA ILE A 17 5.45 0.51 -4.06
C ILE A 17 4.21 0.77 -4.91
N CYS A 18 3.26 1.52 -4.36
CA CYS A 18 2.03 1.85 -5.07
C CYS A 18 1.71 3.33 -4.93
N NH2 A 19 1.92 4.09 -6.00
HN1 NH2 A 19 1.61 5.02 -5.97
HN2 NH2 A 19 2.36 3.69 -6.78
N ARG A 1 3.01 -6.48 -7.50
CA ARG A 1 1.92 -5.93 -6.64
C ARG A 1 2.15 -6.27 -5.17
N ASP A 2 2.25 -5.24 -4.34
CA ASP A 2 2.48 -5.43 -2.90
C ASP A 2 1.18 -5.83 -2.21
N PRO A 3 1.27 -6.20 -0.91
CA PRO A 3 0.10 -6.60 -0.13
C PRO A 3 -0.60 -5.43 0.50
N CYS A 4 0.17 -4.53 1.09
CA CYS A 4 -0.38 -3.34 1.70
C CYS A 4 -1.04 -2.46 0.64
N CYS A 5 -0.82 -2.80 -0.63
CA CYS A 5 -1.41 -2.06 -1.74
C CYS A 5 -2.88 -2.42 -1.91
N SER A 6 -3.23 -3.65 -1.55
CA SER A 6 -4.60 -4.12 -1.65
C SER A 6 -5.49 -3.40 -0.63
N ASN A 7 -4.89 -2.94 0.45
CA ASN A 7 -5.61 -2.23 1.48
C ASN A 7 -5.41 -0.72 1.34
N PRO A 8 -6.49 0.04 1.07
CA PRO A 8 -6.41 1.49 0.90
C PRO A 8 -5.90 2.21 2.14
N VAL A 9 -5.82 1.50 3.26
CA VAL A 9 -5.32 2.09 4.50
C VAL A 9 -3.81 2.16 4.47
N CYS A 10 -3.20 1.00 4.24
CA CYS A 10 -1.76 0.89 4.18
C CYS A 10 -1.18 1.72 3.03
N THR A 11 -1.91 1.79 1.92
CA THR A 11 -1.47 2.53 0.75
C THR A 11 -0.91 3.90 1.13
N VAL A 12 -1.50 4.52 2.14
CA VAL A 12 -1.08 5.82 2.60
C VAL A 12 0.35 5.77 3.14
N HIS A 13 0.61 4.82 4.01
CA HIS A 13 1.93 4.64 4.61
C HIS A 13 2.83 3.77 3.75
N ASN A 14 2.39 3.48 2.52
CA ASN A 14 3.17 2.66 1.61
C ASN A 14 3.22 3.29 0.21
N PRO A 15 3.80 4.49 0.10
CA PRO A 15 3.91 5.19 -1.18
C PRO A 15 5.19 4.85 -1.93
N GLN A 16 5.80 3.71 -1.60
CA GLN A 16 7.03 3.28 -2.24
C GLN A 16 6.76 2.18 -3.27
N ILE A 17 5.68 1.43 -3.07
CA ILE A 17 5.32 0.35 -3.98
C ILE A 17 4.07 0.69 -4.77
N CYS A 18 3.19 1.50 -4.18
CA CYS A 18 1.95 1.90 -4.82
C CYS A 18 1.67 3.37 -4.59
N NH2 A 19 0.44 3.81 -4.88
HN1 NH2 A 19 -0.26 3.70 -4.21
HN2 NH2 A 19 0.29 4.18 -5.77
N ARG A 1 2.87 -7.84 -6.57
CA ARG A 1 1.91 -6.90 -5.95
C ARG A 1 1.98 -6.97 -4.42
N ASP A 2 2.35 -5.85 -3.80
CA ASP A 2 2.45 -5.79 -2.35
C ASP A 2 1.10 -6.10 -1.69
N PRO A 3 1.12 -6.43 -0.38
CA PRO A 3 -0.10 -6.75 0.36
C PRO A 3 -0.77 -5.51 0.90
N CYS A 4 0.01 -4.63 1.49
CA CYS A 4 -0.52 -3.38 2.03
C CYS A 4 -1.03 -2.49 0.89
N CYS A 5 -0.77 -2.91 -0.35
CA CYS A 5 -1.21 -2.16 -1.51
C CYS A 5 -2.67 -2.46 -1.82
N SER A 6 -3.10 -3.68 -1.51
CA SER A 6 -4.48 -4.10 -1.74
C SER A 6 -5.42 -3.34 -0.81
N ASN A 7 -4.91 -2.94 0.35
CA ASN A 7 -5.69 -2.21 1.34
C ASN A 7 -5.40 -0.71 1.24
N PRO A 8 -6.40 0.11 0.92
CA PRO A 8 -6.23 1.57 0.80
C PRO A 8 -5.82 2.23 2.11
N VAL A 9 -5.86 1.48 3.21
CA VAL A 9 -5.47 2.01 4.50
C VAL A 9 -3.96 2.01 4.63
N CYS A 10 -3.38 0.83 4.45
CA CYS A 10 -1.94 0.66 4.53
C CYS A 10 -1.22 1.46 3.45
N THR A 11 -1.86 1.60 2.28
CA THR A 11 -1.27 2.32 1.17
C THR A 11 -0.62 3.63 1.62
N VAL A 12 -1.23 4.28 2.60
CA VAL A 12 -0.72 5.53 3.12
C VAL A 12 0.68 5.36 3.69
N HIS A 13 0.83 4.39 4.57
CA HIS A 13 2.12 4.10 5.19
C HIS A 13 3.09 3.46 4.20
N ASN A 14 2.57 3.08 3.03
CA ASN A 14 3.40 2.45 2.00
C ASN A 14 3.24 3.15 0.66
N PRO A 15 3.75 4.40 0.56
CA PRO A 15 3.66 5.19 -0.67
C PRO A 15 4.87 4.99 -1.58
N GLN A 16 5.52 3.84 -1.45
CA GLN A 16 6.69 3.53 -2.26
C GLN A 16 6.36 2.53 -3.37
N ILE A 17 5.32 1.72 -3.15
CA ILE A 17 4.90 0.73 -4.14
C ILE A 17 3.57 1.11 -4.76
N CYS A 18 2.73 1.80 -3.99
CA CYS A 18 1.42 2.22 -4.47
C CYS A 18 1.01 3.56 -3.86
N NH2 A 19 0.00 4.19 -4.42
HN1 NH2 A 19 -0.64 4.64 -3.83
HN2 NH2 A 19 -0.10 4.15 -5.40
#